data_1GJ4
#
_entry.id   1GJ4
#
_cell.length_a   71.37
_cell.length_b   72.09
_cell.length_c   72.84
_cell.angle_alpha   90.0
_cell.angle_beta   100.97
_cell.angle_gamma   90.0
#
_symmetry.space_group_name_H-M   'C 1 2 1'
#
loop_
_entity.id
_entity.type
_entity.pdbx_description
1 polymer THROMBIN
2 polymer THROMBIN
3 polymer 'ACETYL HIRUDIN'
4 non-polymer 'SODIUM ION'
5 non-polymer 6-CHLORO-2-(2-HYDROXY-BIPHENYL-3-YL)-1H-INDOLE-5-CARBOXAMIDINE
6 water water
#
loop_
_entity_poly.entity_id
_entity_poly.type
_entity_poly.pdbx_seq_one_letter_code
_entity_poly.pdbx_strand_id
1 'polypeptide(L)' TFGSGEADCGLRPLFEKKSLEDKTERELLESYIDGR L
2 'polypeptide(L)'
;IVEGSDAEIGMSPWQVMLFRKSPQELLCGASLISDRWVLTAAHCLLYPPWDKNFTENDLLVRIGKHSRTRYERNIEKISM
LEKIYIHPRYNWRENLDRDIALMKLKKPVAFSDYIHPVCLPDRETAASLLQAGYKGRVTGWGNLKETWTANVGKGQPSVL
QVVNLPIVERPVCKDSTRIRITDNMFCAGYKPDEGKRGDACEGDSGGPFVMKSPFNNRWYQMGIVSWGEGCDRDGKYGFY
THVFRLKKWIQKVIDQFG
;
H
3 'polypeptide(L)' DFEEIPEE(TYS)LQ I
#
loop_
_chem_comp.id
_chem_comp.type
_chem_comp.name
_chem_comp.formula
132 non-polymer 6-CHLORO-2-(2-HYDROXY-BIPHENYL-3-YL)-1H-INDOLE-5-CARBOXAMIDINE 'C21 H17 Cl N3 O 1'
NA non-polymer 'SODIUM ION' 'Na 1'
#
# COMPACT_ATOMS: atom_id res chain seq x y z
N GLU A 6 -6.62 -11.49 -10.85
CA GLU A 6 -7.67 -11.03 -11.72
C GLU A 6 -7.40 -10.84 -13.15
N ALA A 7 -6.83 -11.70 -13.91
CA ALA A 7 -6.74 -11.55 -15.41
C ALA A 7 -6.35 -10.27 -16.01
N ASP A 8 -7.01 -9.28 -15.64
CA ASP A 8 -6.85 -7.94 -16.12
C ASP A 8 -6.09 -7.10 -15.13
N CYS A 9 -5.83 -7.68 -13.99
CA CYS A 9 -5.11 -6.95 -12.94
C CYS A 9 -3.78 -6.47 -13.40
N GLY A 10 -3.32 -5.47 -12.73
CA GLY A 10 -1.99 -4.86 -13.03
C GLY A 10 -1.72 -4.22 -14.36
N LEU A 11 -2.68 -4.07 -15.21
CA LEU A 11 -2.46 -3.43 -16.55
C LEU A 11 -3.21 -2.10 -16.39
N ARG A 12 -2.52 -1.00 -16.30
CA ARG A 12 -3.20 0.34 -16.12
C ARG A 12 -3.83 0.95 -17.36
N PRO A 13 -5.08 1.32 -17.32
CA PRO A 13 -5.77 1.97 -18.49
C PRO A 13 -5.04 3.10 -19.18
N LEU A 14 -4.32 3.86 -18.41
CA LEU A 14 -3.59 5.02 -18.98
C LEU A 14 -2.18 4.77 -19.28
N PHE A 15 -1.74 3.57 -19.02
CA PHE A 15 -0.31 3.31 -19.34
C PHE A 15 -0.21 2.04 -20.14
N GLU A 16 -0.06 0.92 -19.48
CA GLU A 16 0.05 -0.38 -20.17
C GLU A 16 -0.95 -0.53 -21.29
N LYS A 17 -2.18 -0.28 -20.99
CA LYS A 17 -3.26 -0.39 -22.01
C LYS A 17 -3.16 0.58 -23.19
N LYS A 18 -2.30 1.52 -23.13
CA LYS A 18 -2.14 2.49 -24.24
C LYS A 18 -0.69 2.42 -24.65
N SER A 19 0.06 1.61 -23.99
CA SER A 19 1.49 1.43 -24.27
C SER A 19 2.20 2.72 -23.86
N LEU A 20 1.76 3.34 -22.79
CA LEU A 20 2.43 4.59 -22.34
C LEU A 20 3.18 4.24 -21.04
N GLU A 21 4.37 4.74 -20.89
CA GLU A 21 5.18 4.45 -19.67
C GLU A 21 5.07 5.66 -18.74
N ASP A 22 5.29 5.47 -17.46
CA ASP A 22 5.19 6.65 -16.54
C ASP A 22 6.67 7.06 -16.41
N LYS A 23 6.98 8.22 -15.93
CA LYS A 23 8.40 8.60 -15.85
C LYS A 23 9.39 7.82 -15.08
N THR A 24 9.03 7.01 -14.13
CA THR A 24 10.09 6.27 -13.41
C THR A 24 10.02 4.76 -13.51
N GLU A 25 9.08 4.16 -14.19
CA GLU A 25 9.09 2.67 -14.20
C GLU A 25 10.39 2.14 -14.74
N ARG A 26 10.99 2.85 -15.62
CA ARG A 26 12.31 2.42 -16.21
C ARG A 26 13.26 1.99 -15.07
N GLU A 27 13.39 2.88 -14.12
CA GLU A 27 14.26 2.69 -12.92
C GLU A 27 14.03 1.30 -12.35
N LEU A 28 12.80 0.92 -12.27
CA LEU A 28 12.47 -0.41 -11.73
C LEU A 28 12.92 -1.57 -12.62
N LEU A 29 12.51 -1.53 -13.86
CA LEU A 29 12.89 -2.63 -14.80
C LEU A 29 14.36 -2.70 -14.92
N GLU A 30 14.94 -1.54 -14.87
CA GLU A 30 16.41 -1.49 -14.99
C GLU A 30 17.02 -2.12 -13.74
N SER A 31 16.33 -2.15 -12.62
CA SER A 31 16.98 -2.76 -11.44
C SER A 31 16.83 -4.27 -11.47
N TYR A 32 16.04 -4.73 -12.41
CA TYR A 32 15.98 -6.13 -12.46
C TYR A 32 16.92 -6.97 -13.24
N ILE A 33 18.15 -6.67 -12.97
CA ILE A 33 19.33 -7.40 -13.52
C ILE A 33 20.72 -6.86 -12.99
N ILE B 1 5.34 10.07 2.42
CA ILE B 1 6.46 9.59 1.59
C ILE B 1 7.46 10.70 1.71
N VAL B 2 8.69 10.37 1.98
CA VAL B 2 9.78 11.38 2.12
C VAL B 2 10.58 11.25 0.83
N GLU B 3 11.06 12.35 0.32
CA GLU B 3 11.89 12.40 -0.94
C GLU B 3 11.26 11.62 -2.12
N GLY B 4 9.96 11.70 -2.21
CA GLY B 4 9.19 11.01 -3.28
C GLY B 4 8.63 12.18 -4.07
N SER B 5 8.09 11.95 -5.23
CA SER B 5 7.54 13.06 -6.03
C SER B 5 6.08 12.86 -6.17
N ASP B 6 5.45 13.76 -6.88
CA ASP B 6 3.96 13.68 -7.09
C ASP B 6 3.74 12.61 -8.11
N ALA B 7 2.67 11.91 -7.95
CA ALA B 7 2.38 10.83 -8.90
C ALA B 7 1.75 11.49 -10.14
N GLU B 8 1.45 10.66 -11.11
CA GLU B 8 0.83 11.10 -12.36
C GLU B 8 -0.57 10.61 -12.18
N ILE B 9 -1.44 11.12 -13.00
CA ILE B 9 -2.85 10.69 -12.89
C ILE B 9 -2.82 9.23 -13.38
N GLY B 10 -3.59 8.42 -12.72
CA GLY B 10 -3.73 6.96 -13.01
C GLY B 10 -2.44 6.16 -12.95
N MET B 11 -1.51 6.59 -12.16
CA MET B 11 -0.20 5.87 -12.03
C MET B 11 -0.42 4.67 -11.08
N SER B 12 -1.18 4.82 -10.02
CA SER B 12 -1.44 3.69 -9.08
C SER B 12 -2.95 3.56 -8.85
N PRO B 13 -3.67 3.19 -9.86
CA PRO B 13 -5.13 3.17 -9.83
C PRO B 13 -5.74 2.28 -8.76
N TRP B 14 -4.87 1.52 -8.15
CA TRP B 14 -5.30 0.57 -7.06
C TRP B 14 -5.05 1.12 -5.67
N GLN B 15 -4.60 2.33 -5.61
CA GLN B 15 -4.31 3.00 -4.32
C GLN B 15 -5.64 3.39 -3.71
N VAL B 16 -5.88 3.00 -2.50
CA VAL B 16 -7.15 3.32 -1.78
C VAL B 16 -6.75 4.19 -0.60
N MET B 17 -7.73 4.85 0.00
CA MET B 17 -7.53 5.76 1.18
C MET B 17 -8.49 5.29 2.23
N LEU B 18 -8.05 5.08 3.45
CA LEU B 18 -9.03 4.62 4.49
C LEU B 18 -9.28 5.97 5.12
N PHE B 19 -10.53 6.32 5.17
CA PHE B 19 -10.94 7.62 5.73
C PHE B 19 -11.80 7.32 6.92
N ARG B 20 -11.69 8.21 7.85
CA ARG B 20 -12.47 8.06 9.10
C ARG B 20 -13.66 9.00 8.90
N LYS B 21 -14.78 8.63 9.46
CA LYS B 21 -15.95 9.52 9.28
C LYS B 21 -15.86 10.64 10.30
N SER B 22 -15.82 10.35 11.56
CA SER B 22 -15.73 11.46 12.55
C SER B 22 -14.54 11.16 13.48
N PRO B 23 -13.61 12.07 13.61
CA PRO B 23 -13.37 13.21 12.66
C PRO B 23 -13.06 12.74 11.22
N GLN B 24 -13.21 13.62 10.28
CA GLN B 24 -12.95 13.22 8.87
C GLN B 24 -11.46 13.37 8.62
N GLU B 25 -10.75 12.30 8.84
CA GLU B 25 -9.26 12.29 8.62
C GLU B 25 -8.71 11.03 7.90
N LEU B 26 -7.56 11.23 7.30
CA LEU B 26 -6.89 10.14 6.56
C LEU B 26 -6.37 9.25 7.65
N LEU B 27 -6.56 7.97 7.46
CA LEU B 27 -6.10 6.99 8.44
C LEU B 27 -4.89 6.27 7.89
N CYS B 28 -5.08 5.60 6.81
CA CYS B 28 -3.99 4.84 6.16
C CYS B 28 -4.26 4.81 4.68
N GLY B 29 -3.45 4.02 4.04
CA GLY B 29 -3.46 3.76 2.57
C GLY B 29 -3.86 2.28 2.52
N ALA B 30 -4.27 1.82 1.37
CA ALA B 30 -4.68 0.42 1.19
C ALA B 30 -4.61 0.22 -0.31
N SER B 31 -4.96 -0.94 -0.78
CA SER B 31 -4.95 -1.22 -2.25
C SER B 31 -6.23 -2.06 -2.60
N LEU B 32 -6.68 -1.95 -3.83
CA LEU B 32 -7.90 -2.64 -4.37
C LEU B 32 -7.36 -3.90 -5.08
N ILE B 33 -7.79 -5.11 -4.71
CA ILE B 33 -7.29 -6.36 -5.38
C ILE B 33 -8.38 -7.03 -6.25
N SER B 34 -9.64 -6.69 -6.11
CA SER B 34 -10.74 -7.28 -6.95
C SER B 34 -11.74 -6.14 -6.95
N ASP B 35 -12.97 -6.35 -7.33
CA ASP B 35 -13.89 -5.18 -7.31
C ASP B 35 -14.53 -5.09 -5.93
N ARG B 36 -14.35 -6.06 -5.08
CA ARG B 36 -14.98 -6.01 -3.70
C ARG B 36 -13.97 -6.12 -2.56
N TRP B 37 -12.72 -6.32 -2.82
CA TRP B 37 -11.76 -6.43 -1.68
C TRP B 37 -10.64 -5.40 -1.66
N VAL B 38 -10.39 -4.93 -0.49
CA VAL B 38 -9.33 -3.92 -0.27
C VAL B 38 -8.42 -4.60 0.75
N LEU B 39 -7.15 -4.40 0.63
CA LEU B 39 -6.18 -5.04 1.57
C LEU B 39 -5.40 -4.00 2.34
N THR B 40 -5.10 -4.17 3.59
CA THR B 40 -4.32 -3.04 4.19
C THR B 40 -3.45 -3.62 5.29
N ALA B 41 -3.02 -2.79 6.20
CA ALA B 41 -2.18 -3.31 7.30
C ALA B 41 -3.13 -3.42 8.46
N ALA B 42 -3.02 -4.49 9.19
CA ALA B 42 -3.94 -4.68 10.37
C ALA B 42 -3.76 -3.59 11.43
N HIS B 43 -2.58 -3.07 11.62
CA HIS B 43 -2.38 -2.00 12.65
C HIS B 43 -3.16 -0.74 12.27
N CYS B 44 -3.59 -0.67 11.04
CA CYS B 44 -4.36 0.52 10.64
C CYS B 44 -5.73 0.39 11.26
N LEU B 45 -6.05 -0.80 11.60
CA LEU B 45 -7.43 -1.02 12.21
C LEU B 45 -7.43 -1.32 13.68
N LEU B 46 -6.53 -2.16 14.10
CA LEU B 46 -6.42 -2.57 15.53
C LEU B 46 -5.03 -2.38 16.15
N TYR B 47 -4.89 -1.50 17.09
CA TYR B 47 -3.57 -1.28 17.72
C TYR B 47 -3.84 -0.89 19.18
N PRO B 48 -4.07 -1.89 20.02
CA PRO B 48 -4.43 -1.72 21.47
C PRO B 48 -3.52 -0.80 22.30
N PRO B 49 -2.24 -0.88 22.13
CA PRO B 49 -1.33 0.09 22.73
C PRO B 49 -1.82 1.51 22.72
N TRP B 50 -2.50 1.86 21.64
CA TRP B 50 -3.05 3.25 21.49
C TRP B 50 -4.56 3.18 21.32
N ASP B 51 -5.17 2.28 22.03
CA ASP B 51 -6.65 2.10 21.96
C ASP B 51 -7.22 2.32 20.55
N LYS B 52 -6.68 1.63 19.60
CA LYS B 52 -7.16 1.75 18.20
C LYS B 52 -7.87 0.45 17.90
N ASN B 53 -9.10 0.48 17.53
CA ASN B 53 -9.90 -0.73 17.21
C ASN B 53 -11.08 -0.18 16.46
N PHE B 54 -10.92 -0.02 15.19
CA PHE B 54 -12.05 0.53 14.39
C PHE B 54 -12.93 -0.59 13.96
N THR B 55 -14.08 -0.21 13.55
CA THR B 55 -15.13 -1.13 13.09
C THR B 55 -15.64 -0.67 11.73
N GLU B 56 -16.34 -1.58 11.07
CA GLU B 56 -16.92 -1.32 9.71
C GLU B 56 -17.49 0.10 9.62
N ASN B 57 -18.41 0.29 10.52
CA ASN B 57 -19.13 1.57 10.64
C ASN B 57 -18.28 2.75 10.82
N ASP B 58 -17.07 2.58 11.27
CA ASP B 58 -16.22 3.79 11.46
C ASP B 58 -15.39 4.23 10.32
N LEU B 59 -15.36 3.45 9.28
CA LEU B 59 -14.51 3.83 8.10
C LEU B 59 -15.25 3.97 6.77
N LEU B 60 -14.50 4.59 5.89
CA LEU B 60 -14.93 4.87 4.51
C LEU B 60 -13.71 4.52 3.66
N VAL B 61 -13.92 4.02 2.49
CA VAL B 61 -12.80 3.67 1.60
C VAL B 61 -12.98 4.60 0.43
N ARG B 62 -11.98 5.36 0.04
CA ARG B 62 -12.12 6.29 -1.11
C ARG B 62 -11.17 5.84 -2.25
N ILE B 63 -11.71 5.43 -3.36
CA ILE B 63 -10.91 4.96 -4.50
C ILE B 63 -10.97 5.91 -5.70
N GLY B 64 -9.88 6.05 -6.42
CA GLY B 64 -9.82 6.94 -7.61
C GLY B 64 -9.16 8.26 -7.30
N LYS B 65 -8.71 8.45 -6.09
CA LYS B 65 -8.09 9.77 -5.76
C LYS B 65 -6.66 9.98 -6.23
N HIS B 66 -6.36 11.24 -6.24
CA HIS B 66 -5.04 11.79 -6.64
C HIS B 66 -4.74 12.81 -5.52
N SER B 67 -5.67 13.72 -5.37
CA SER B 67 -5.62 14.84 -4.34
C SER B 67 -5.85 14.23 -2.97
N ARG B 68 -5.24 14.77 -1.96
CA ARG B 68 -5.41 14.22 -0.58
C ARG B 68 -6.69 14.63 0.12
N THR B 69 -6.92 15.90 0.10
CA THR B 69 -8.13 16.47 0.76
C THR B 69 -9.36 16.85 -0.05
N ARG B 70 -9.33 16.72 -1.34
CA ARG B 70 -10.52 17.12 -2.10
C ARG B 70 -11.38 16.00 -2.48
N TYR B 71 -12.64 16.32 -2.63
CA TYR B 71 -13.61 15.28 -3.01
C TYR B 71 -13.59 15.45 -4.51
N GLU B 72 -12.78 14.68 -5.20
CA GLU B 72 -12.69 14.78 -6.67
C GLU B 72 -14.03 14.21 -7.25
N ARG B 73 -14.97 15.11 -7.31
CA ARG B 73 -16.34 14.85 -7.82
C ARG B 73 -16.30 14.23 -9.22
N ASN B 74 -16.92 13.07 -9.34
CA ASN B 74 -17.01 12.30 -10.62
C ASN B 74 -15.79 11.48 -10.95
N ILE B 75 -14.82 11.46 -10.07
CA ILE B 75 -13.59 10.67 -10.32
C ILE B 75 -13.43 9.63 -9.23
N GLU B 76 -13.59 9.98 -8.00
CA GLU B 76 -13.41 8.95 -6.95
C GLU B 76 -14.73 8.36 -6.57
N LYS B 77 -14.66 7.22 -5.92
CA LYS B 77 -15.86 6.50 -5.46
C LYS B 77 -15.55 6.29 -3.99
N ILE B 78 -16.59 6.25 -3.24
CA ILE B 78 -16.49 6.07 -1.77
C ILE B 78 -17.34 4.86 -1.50
N SER B 79 -16.81 3.90 -0.77
CA SER B 79 -17.60 2.65 -0.46
C SER B 79 -17.64 2.47 1.03
N MET B 80 -18.56 1.67 1.45
CA MET B 80 -18.71 1.40 2.88
C MET B 80 -18.22 -0.02 2.96
N LEU B 81 -17.97 -0.46 4.14
CA LEU B 81 -17.46 -1.82 4.38
C LEU B 81 -18.54 -2.73 4.86
N GLU B 82 -18.39 -3.97 4.47
CA GLU B 82 -19.36 -5.01 4.87
C GLU B 82 -18.66 -5.76 6.01
N LYS B 83 -17.44 -6.18 5.77
CA LYS B 83 -16.70 -6.92 6.81
C LYS B 83 -15.21 -6.61 6.73
N ILE B 84 -14.55 -6.72 7.84
CA ILE B 84 -13.10 -6.45 8.02
C ILE B 84 -12.65 -7.79 8.58
N TYR B 85 -11.51 -8.24 8.14
CA TYR B 85 -10.97 -9.53 8.64
C TYR B 85 -9.52 -9.21 9.00
N ILE B 86 -9.04 -9.51 10.18
CA ILE B 86 -7.63 -9.19 10.55
C ILE B 86 -6.99 -10.60 10.58
N HIS B 87 -5.74 -10.72 10.22
CA HIS B 87 -5.12 -12.08 10.26
C HIS B 87 -5.13 -12.60 11.72
N PRO B 88 -5.54 -13.82 11.96
CA PRO B 88 -5.64 -14.36 13.34
C PRO B 88 -4.34 -14.40 14.17
N ARG B 89 -3.20 -14.32 13.56
CA ARG B 89 -1.97 -14.36 14.35
C ARG B 89 -1.20 -13.04 14.15
N TYR B 90 -1.95 -11.99 13.90
CA TYR B 90 -1.39 -10.60 13.70
C TYR B 90 -0.73 -10.40 15.07
N ASN B 91 0.48 -9.93 15.14
CA ASN B 91 1.13 -9.74 16.49
C ASN B 91 1.36 -8.28 16.81
N TRP B 92 0.46 -7.67 17.52
CA TRP B 92 0.66 -6.23 17.86
C TRP B 92 1.39 -6.09 19.16
N ARG B 93 1.50 -7.16 19.88
CA ARG B 93 2.22 -7.08 21.16
C ARG B 93 3.70 -7.00 20.96
N GLU B 94 4.22 -7.63 19.94
CA GLU B 94 5.70 -7.54 19.78
C GLU B 94 6.28 -6.86 18.54
N ASN B 95 6.16 -7.45 17.38
CA ASN B 95 6.75 -6.80 16.16
C ASN B 95 5.80 -6.59 14.96
N LEU B 96 4.51 -6.51 15.19
CA LEU B 96 3.57 -6.30 14.04
C LEU B 96 3.83 -7.35 12.99
N ASP B 97 3.96 -8.55 13.44
CA ASP B 97 4.24 -9.68 12.51
C ASP B 97 2.83 -10.02 12.01
N ARG B 98 2.76 -10.27 10.73
CA ARG B 98 1.50 -10.63 9.98
C ARG B 98 0.53 -9.47 10.05
N ASP B 99 1.06 -8.37 9.63
CA ASP B 99 0.32 -7.10 9.59
C ASP B 99 -0.53 -7.08 8.30
N ILE B 100 -1.67 -7.72 8.33
CA ILE B 100 -2.47 -7.71 7.07
C ILE B 100 -3.90 -7.82 7.45
N ALA B 101 -4.74 -7.31 6.62
CA ALA B 101 -6.19 -7.40 6.92
C ALA B 101 -6.85 -7.12 5.63
N LEU B 102 -7.99 -7.70 5.49
CA LEU B 102 -8.82 -7.56 4.26
C LEU B 102 -10.09 -6.85 4.57
N MET B 103 -10.65 -6.17 3.62
CA MET B 103 -11.93 -5.46 3.89
C MET B 103 -12.80 -5.81 2.70
N LYS B 104 -14.02 -6.07 2.98
CA LYS B 104 -15.01 -6.42 1.95
C LYS B 104 -15.85 -5.16 1.78
N LEU B 105 -16.04 -4.76 0.56
CA LEU B 105 -16.84 -3.52 0.33
C LEU B 105 -18.29 -3.92 0.27
N LYS B 106 -19.10 -3.02 0.69
CA LYS B 106 -20.56 -3.25 0.70
C LYS B 106 -20.95 -3.66 -0.72
N LYS B 107 -20.66 -2.81 -1.67
CA LYS B 107 -21.02 -3.12 -3.08
C LYS B 107 -19.77 -3.05 -3.94
N PRO B 108 -19.75 -3.78 -5.03
CA PRO B 108 -18.57 -3.82 -5.93
C PRO B 108 -18.39 -2.45 -6.54
N VAL B 109 -17.17 -2.13 -6.86
CA VAL B 109 -16.90 -0.81 -7.47
C VAL B 109 -16.72 -1.09 -8.93
N ALA B 110 -16.85 -0.06 -9.72
CA ALA B 110 -16.71 -0.18 -11.20
C ALA B 110 -15.32 0.32 -11.48
N PHE B 111 -14.66 -0.23 -12.46
CA PHE B 111 -13.29 0.28 -12.71
C PHE B 111 -13.39 1.46 -13.68
N SER B 112 -12.31 2.20 -13.83
CA SER B 112 -12.34 3.34 -14.74
C SER B 112 -10.90 3.54 -15.11
N ASP B 113 -10.54 4.63 -15.71
CA ASP B 113 -9.13 4.83 -16.05
C ASP B 113 -8.37 5.10 -14.74
N TYR B 114 -9.12 5.42 -13.71
CA TYR B 114 -8.55 5.73 -12.35
C TYR B 114 -8.68 4.63 -11.29
N ILE B 115 -9.51 3.68 -11.53
CA ILE B 115 -9.73 2.57 -10.57
C ILE B 115 -9.49 1.28 -11.30
N HIS B 116 -8.51 0.52 -10.86
CA HIS B 116 -8.19 -0.79 -11.52
C HIS B 116 -7.48 -1.63 -10.43
N PRO B 117 -7.76 -2.89 -10.19
CA PRO B 117 -7.10 -3.66 -9.08
C PRO B 117 -5.66 -4.06 -9.41
N VAL B 118 -4.89 -4.42 -8.41
CA VAL B 118 -3.49 -4.81 -8.66
C VAL B 118 -3.38 -6.35 -8.64
N CYS B 119 -2.28 -6.88 -9.09
CA CYS B 119 -2.20 -8.35 -9.07
C CYS B 119 -1.48 -8.82 -7.79
N LEU B 120 -1.89 -9.93 -7.27
CA LEU B 120 -1.25 -10.45 -6.04
C LEU B 120 -0.27 -11.47 -6.61
N PRO B 121 0.89 -11.64 -6.02
CA PRO B 121 1.98 -12.34 -6.73
C PRO B 121 1.79 -13.83 -6.64
N ASP B 122 2.45 -14.62 -7.39
CA ASP B 122 2.35 -16.10 -7.36
C ASP B 122 3.79 -16.55 -7.06
N ARG B 123 3.95 -17.66 -6.37
CA ARG B 123 5.26 -18.21 -5.99
C ARG B 123 6.40 -17.90 -6.93
N GLU B 124 6.12 -18.04 -8.19
CA GLU B 124 7.19 -17.77 -9.20
C GLU B 124 7.52 -16.27 -9.30
N THR B 125 6.50 -15.47 -9.37
CA THR B 125 6.77 -14.01 -9.47
C THR B 125 7.41 -13.61 -8.14
N ALA B 126 6.98 -14.14 -7.03
CA ALA B 126 7.64 -13.71 -5.76
C ALA B 126 9.12 -14.02 -5.85
N ALA B 127 9.34 -15.26 -6.19
CA ALA B 127 10.71 -15.81 -6.33
C ALA B 127 11.63 -15.05 -7.22
N SER B 128 11.14 -14.61 -8.31
CA SER B 128 12.01 -13.85 -9.24
C SER B 128 12.15 -12.40 -8.96
N LEU B 129 11.17 -11.78 -8.38
CA LEU B 129 11.31 -10.35 -8.11
C LEU B 129 11.78 -9.95 -6.73
N LEU B 130 11.42 -10.64 -5.67
CA LEU B 130 11.93 -10.17 -4.34
C LEU B 130 13.42 -10.47 -4.18
N GLN B 131 14.24 -9.69 -4.82
CA GLN B 131 15.69 -9.91 -4.72
C GLN B 131 16.28 -8.58 -4.28
N ALA B 132 17.29 -8.66 -3.46
CA ALA B 132 17.91 -7.41 -2.98
C ALA B 132 18.46 -6.57 -4.13
N GLY B 133 18.18 -5.29 -4.08
CA GLY B 133 18.67 -4.37 -5.16
C GLY B 133 17.58 -4.04 -6.16
N TYR B 134 16.57 -4.86 -6.17
CA TYR B 134 15.44 -4.66 -7.10
C TYR B 134 14.59 -3.62 -6.48
N LYS B 135 14.07 -2.75 -7.28
CA LYS B 135 13.22 -1.68 -6.73
C LYS B 135 11.76 -2.02 -6.89
N GLY B 136 11.03 -1.38 -6.03
CA GLY B 136 9.56 -1.46 -5.91
C GLY B 136 9.13 -0.02 -5.75
N ARG B 137 7.85 0.23 -5.72
CA ARG B 137 7.36 1.62 -5.59
C ARG B 137 6.38 1.67 -4.48
N VAL B 138 6.34 2.74 -3.72
CA VAL B 138 5.38 2.85 -2.59
C VAL B 138 4.61 4.12 -2.82
N THR B 139 3.34 4.18 -2.49
CA THR B 139 2.62 5.46 -2.71
C THR B 139 1.77 5.77 -1.46
N GLY B 140 1.45 7.02 -1.30
CA GLY B 140 0.61 7.40 -0.12
C GLY B 140 0.55 8.90 -0.04
N TRP B 141 -0.31 9.31 0.83
CA TRP B 141 -0.60 10.74 1.11
C TRP B 141 -0.14 11.07 2.55
N GLY B 142 0.80 10.28 2.98
CA GLY B 142 1.39 10.43 4.34
C GLY B 142 2.29 11.64 4.38
N ASN B 143 2.81 11.83 5.54
CA ASN B 143 3.72 12.97 5.80
C ASN B 143 4.89 13.02 4.84
N LEU B 144 5.38 14.24 4.67
CA LEU B 144 6.56 14.48 3.80
C LEU B 144 7.84 14.54 4.62
N LYS B 145 7.78 14.65 5.90
CA LYS B 145 9.03 14.65 6.69
C LYS B 145 8.64 13.90 7.95
N GLU B 146 9.60 13.60 8.76
CA GLU B 146 9.32 12.85 10.03
C GLU B 146 8.61 13.84 10.97
N THR B 147 9.10 15.06 10.97
CA THR B 147 8.58 16.20 11.78
C THR B 147 9.05 17.36 10.86
N GLY B 155 3.73 19.94 5.84
CA GLY B 155 4.52 18.71 5.51
C GLY B 155 3.60 17.50 5.20
N GLN B 156 2.51 17.75 4.53
CA GLN B 156 1.53 16.70 4.14
C GLN B 156 1.41 17.11 2.66
N PRO B 157 1.16 16.21 1.77
CA PRO B 157 1.19 16.55 0.33
C PRO B 157 -0.21 16.85 -0.12
N SER B 158 -0.31 17.42 -1.28
CA SER B 158 -1.66 17.75 -1.77
C SER B 158 -2.06 16.64 -2.75
N VAL B 159 -1.07 16.00 -3.27
CA VAL B 159 -1.26 14.92 -4.23
C VAL B 159 -0.58 13.60 -3.83
N LEU B 160 -0.99 12.53 -4.45
CA LEU B 160 -0.40 11.18 -4.15
C LEU B 160 1.08 11.32 -4.45
N GLN B 161 1.89 10.72 -3.61
CA GLN B 161 3.40 10.76 -3.76
C GLN B 161 3.91 9.37 -4.15
N VAL B 162 5.02 9.29 -4.83
CA VAL B 162 5.58 7.98 -5.23
C VAL B 162 7.11 8.01 -4.97
N VAL B 163 7.72 6.91 -4.65
CA VAL B 163 9.20 6.84 -4.41
C VAL B 163 9.47 5.35 -4.79
N ASN B 164 10.61 5.12 -5.36
CA ASN B 164 11.00 3.75 -5.78
C ASN B 164 12.12 3.44 -4.81
N LEU B 165 12.02 2.33 -4.15
CA LEU B 165 13.06 1.93 -3.17
C LEU B 165 13.59 0.55 -3.52
N PRO B 166 14.85 0.30 -3.35
CA PRO B 166 15.41 -1.07 -3.38
C PRO B 166 15.16 -2.01 -2.20
N ILE B 167 15.02 -3.26 -2.51
CA ILE B 167 14.78 -4.26 -1.44
C ILE B 167 16.18 -4.44 -0.85
N VAL B 168 16.26 -4.62 0.44
CA VAL B 168 17.56 -4.78 1.14
C VAL B 168 17.70 -6.25 1.55
N GLU B 169 18.94 -6.65 1.76
CA GLU B 169 19.21 -8.07 2.14
C GLU B 169 18.75 -8.24 3.57
N ARG B 170 18.12 -9.34 3.87
CA ARG B 170 17.64 -9.53 5.27
C ARG B 170 18.66 -9.21 6.39
N PRO B 171 19.93 -9.70 6.35
CA PRO B 171 20.88 -9.44 7.46
C PRO B 171 21.07 -7.98 7.80
N VAL B 172 21.01 -7.19 6.78
CA VAL B 172 21.17 -5.73 6.96
C VAL B 172 19.92 -5.23 7.69
N CYS B 173 18.79 -5.72 7.22
CA CYS B 173 17.52 -5.31 7.83
C CYS B 173 17.57 -5.62 9.29
N LYS B 174 17.95 -6.81 9.58
CA LYS B 174 18.03 -7.24 10.99
C LYS B 174 19.03 -6.41 11.79
N ASP B 175 20.17 -6.19 11.22
CA ASP B 175 21.22 -5.38 11.95
C ASP B 175 20.98 -3.91 12.08
N SER B 176 19.82 -3.48 11.64
CA SER B 176 19.46 -2.06 11.70
C SER B 176 18.48 -1.79 12.83
N THR B 177 17.88 -2.80 13.35
CA THR B 177 16.91 -2.57 14.44
C THR B 177 17.17 -3.63 15.48
N ARG B 178 16.50 -3.43 16.59
CA ARG B 178 16.52 -4.29 17.79
C ARG B 178 15.19 -5.01 17.74
N ILE B 179 14.39 -4.82 16.74
CA ILE B 179 13.11 -5.57 16.78
C ILE B 179 13.39 -6.88 16.12
N ARG B 180 12.68 -7.87 16.54
CA ARG B 180 12.88 -9.22 15.95
C ARG B 180 12.14 -9.25 14.57
N ILE B 181 12.84 -9.51 13.52
CA ILE B 181 12.29 -9.57 12.11
C ILE B 181 11.80 -11.01 11.89
N THR B 182 10.71 -11.24 11.20
CA THR B 182 10.28 -12.64 11.00
C THR B 182 10.30 -12.90 9.51
N ASP B 183 9.95 -14.06 9.06
CA ASP B 183 10.00 -14.24 7.59
C ASP B 183 8.79 -13.60 6.97
N ASN B 184 7.91 -13.02 7.73
CA ASN B 184 6.71 -12.41 7.05
C ASN B 184 6.94 -10.96 6.74
N MET B 185 8.15 -10.48 6.86
CA MET B 185 8.45 -9.06 6.54
C MET B 185 9.69 -9.01 5.65
N PHE B 186 9.92 -7.93 4.98
CA PHE B 186 11.12 -7.77 4.10
C PHE B 186 11.38 -6.26 4.38
N CYS B 187 12.52 -5.70 4.08
CA CYS B 187 12.70 -4.25 4.37
C CYS B 187 13.20 -3.65 3.08
N ALA B 188 13.07 -2.39 2.91
CA ALA B 188 13.55 -1.79 1.65
C ALA B 188 14.02 -0.40 1.98
N GLY B 189 14.89 0.11 1.18
CA GLY B 189 15.43 1.47 1.37
C GLY B 189 16.87 1.53 0.89
N TYR B 190 17.38 2.73 0.76
CA TYR B 190 18.79 2.91 0.28
C TYR B 190 19.75 2.88 1.48
N LYS B 191 20.97 2.47 1.24
CA LYS B 191 22.01 2.41 2.32
C LYS B 191 22.46 3.88 2.43
N PRO B 192 22.93 4.30 3.58
CA PRO B 192 23.46 5.70 3.80
C PRO B 192 24.48 6.07 2.72
N ASP B 193 25.17 5.02 2.41
CA ASP B 193 26.25 5.02 1.40
C ASP B 193 25.75 5.29 0.00
N GLU B 194 24.53 4.94 -0.30
CA GLU B 194 24.01 5.17 -1.69
C GLU B 194 23.56 6.57 -2.09
N GLY B 195 23.78 7.53 -1.24
CA GLY B 195 23.37 8.94 -1.56
C GLY B 195 22.06 9.10 -2.36
N LYS B 196 21.06 8.44 -1.87
CA LYS B 196 19.69 8.45 -2.44
C LYS B 196 18.86 8.18 -1.19
N ARG B 197 17.70 8.72 -1.09
CA ARG B 197 16.84 8.50 0.11
C ARG B 197 15.45 8.21 -0.43
N GLY B 198 14.52 8.27 0.48
CA GLY B 198 13.12 8.04 0.17
C GLY B 198 12.61 7.15 1.21
N ASP B 199 11.34 7.20 1.51
CA ASP B 199 10.84 6.30 2.55
C ASP B 199 9.36 6.56 2.74
N ALA B 200 8.67 5.66 3.39
CA ALA B 200 7.25 5.91 3.61
C ALA B 200 7.35 6.64 4.95
N CYS B 201 6.22 7.07 5.43
CA CYS B 201 6.18 7.79 6.71
C CYS B 201 4.74 7.69 7.25
N GLU B 202 4.51 8.38 8.32
CA GLU B 202 3.17 8.39 8.94
C GLU B 202 2.09 8.68 7.88
N GLY B 203 1.07 7.90 7.84
CA GLY B 203 -0.02 8.17 6.85
C GLY B 203 0.03 7.29 5.67
N ASP B 204 1.17 6.70 5.45
CA ASP B 204 1.36 5.80 4.28
C ASP B 204 1.08 4.35 4.65
N SER B 205 1.08 4.06 5.92
CA SER B 205 0.79 2.66 6.37
C SER B 205 -0.34 2.01 5.58
N GLY B 206 -0.32 0.70 5.46
CA GLY B 206 -1.42 -0.01 4.72
C GLY B 206 -1.31 0.06 3.22
N GLY B 207 -0.58 0.99 2.72
CA GLY B 207 -0.47 1.08 1.24
C GLY B 207 0.42 0.06 0.69
N PRO B 208 0.46 0.08 -0.62
CA PRO B 208 1.11 -0.96 -1.44
C PRO B 208 2.55 -0.68 -1.87
N PHE B 209 3.28 -1.75 -1.93
CA PHE B 209 4.73 -1.73 -2.35
C PHE B 209 4.53 -2.58 -3.61
N VAL B 210 4.78 -2.08 -4.79
CA VAL B 210 4.54 -2.95 -5.97
C VAL B 210 5.68 -3.04 -6.92
N MET B 211 5.68 -4.06 -7.69
CA MET B 211 6.80 -4.21 -8.67
C MET B 211 6.14 -4.49 -10.01
N LYS B 212 6.85 -4.24 -11.07
CA LYS B 212 6.27 -4.49 -12.42
C LYS B 212 6.97 -5.72 -12.98
N SER B 213 6.25 -6.74 -13.28
CA SER B 213 6.87 -7.98 -13.83
C SER B 213 7.38 -7.70 -15.23
N PRO B 214 8.65 -7.96 -15.45
CA PRO B 214 9.23 -7.76 -16.78
C PRO B 214 8.87 -8.93 -17.70
N PHE B 215 8.06 -9.84 -17.20
CA PHE B 215 7.66 -11.03 -18.00
C PHE B 215 6.34 -10.83 -18.68
N ASN B 216 5.38 -10.33 -17.94
CA ASN B 216 4.02 -10.09 -18.51
C ASN B 216 3.49 -8.66 -18.33
N ASN B 217 4.38 -7.73 -18.08
CA ASN B 217 4.09 -6.28 -17.88
C ASN B 217 3.07 -5.85 -16.87
N ARG B 218 2.76 -6.71 -15.95
CA ARG B 218 1.75 -6.36 -14.92
C ARG B 218 2.42 -5.93 -13.62
N TRP B 219 1.67 -5.21 -12.84
CA TRP B 219 2.17 -4.69 -11.54
C TRP B 219 1.69 -5.63 -10.48
N TYR B 220 2.54 -6.01 -9.58
CA TYR B 220 2.12 -6.93 -8.52
C TYR B 220 2.36 -6.21 -7.21
N GLN B 221 1.62 -6.58 -6.23
CA GLN B 221 1.76 -5.95 -4.89
C GLN B 221 2.47 -6.98 -4.06
N MET B 222 3.74 -6.73 -3.85
CA MET B 222 4.60 -7.65 -3.05
C MET B 222 4.56 -7.40 -1.56
N GLY B 223 4.46 -6.17 -1.19
CA GLY B 223 4.43 -5.88 0.26
C GLY B 223 3.45 -4.80 0.64
N ILE B 224 3.24 -4.67 1.90
CA ILE B 224 2.31 -3.65 2.50
C ILE B 224 3.21 -2.78 3.36
N VAL B 225 2.89 -1.54 3.50
CA VAL B 225 3.71 -0.62 4.33
C VAL B 225 3.37 -1.03 5.75
N SER B 226 4.35 -1.45 6.49
CA SER B 226 4.09 -1.86 7.86
C SER B 226 4.74 -0.97 8.87
N TRP B 227 6.03 -0.96 8.96
CA TRP B 227 6.63 -0.07 9.98
C TRP B 227 8.08 0.30 9.71
N GLY B 228 8.53 1.28 10.43
CA GLY B 228 9.92 1.74 10.27
C GLY B 228 10.15 2.51 11.56
N GLU B 229 11.34 3.02 11.72
CA GLU B 229 11.69 3.79 12.94
C GLU B 229 12.07 5.16 12.39
N GLY B 230 11.11 6.04 12.45
CA GLY B 230 11.34 7.43 11.95
C GLY B 230 11.04 7.40 10.44
N CYS B 231 11.31 8.48 9.76
CA CYS B 231 11.05 8.53 8.31
C CYS B 231 12.32 9.04 7.60
N ASP B 232 12.89 8.17 6.79
CA ASP B 232 14.11 8.44 5.99
C ASP B 232 15.33 8.66 6.90
N ARG B 233 15.45 7.92 7.96
CA ARG B 233 16.65 8.15 8.86
C ARG B 233 17.79 7.33 8.23
N ASP B 234 19.02 7.79 8.25
CA ASP B 234 20.09 6.95 7.62
C ASP B 234 20.41 5.78 8.50
N GLY B 235 20.63 4.66 7.90
CA GLY B 235 20.96 3.43 8.64
C GLY B 235 19.69 2.72 9.06
N LYS B 236 18.58 3.22 8.63
CA LYS B 236 17.28 2.57 9.00
C LYS B 236 16.49 2.27 7.72
N TYR B 237 15.52 1.42 7.82
CA TYR B 237 14.70 1.04 6.64
C TYR B 237 13.23 0.91 7.01
N GLY B 238 12.45 0.58 6.00
CA GLY B 238 11.00 0.40 6.14
C GLY B 238 10.84 -1.09 6.01
N PHE B 239 9.85 -1.57 6.70
CA PHE B 239 9.51 -2.99 6.72
C PHE B 239 8.11 -3.13 6.12
N TYR B 240 7.92 -4.19 5.37
CA TYR B 240 6.58 -4.43 4.71
C TYR B 240 6.05 -5.84 4.93
N THR B 241 4.76 -6.01 4.97
CA THR B 241 4.26 -7.38 5.17
C THR B 241 4.63 -8.10 3.85
N HIS B 242 5.01 -9.33 3.97
CA HIS B 242 5.40 -10.14 2.80
C HIS B 242 4.08 -10.70 2.25
N VAL B 243 3.48 -10.05 1.29
CA VAL B 243 2.17 -10.56 0.73
C VAL B 243 2.24 -12.00 0.28
N PHE B 244 3.24 -12.35 -0.48
CA PHE B 244 3.23 -13.77 -0.89
C PHE B 244 3.20 -14.71 0.33
N ARG B 245 4.02 -14.54 1.33
CA ARG B 245 3.96 -15.47 2.48
C ARG B 245 2.63 -15.54 3.15
N LEU B 246 1.77 -14.58 2.97
CA LEU B 246 0.45 -14.71 3.67
C LEU B 246 -0.70 -14.89 2.65
N LYS B 247 -0.35 -15.10 1.42
CA LYS B 247 -1.37 -15.28 0.35
C LYS B 247 -2.33 -16.44 0.57
N LYS B 248 -1.90 -17.52 1.18
CA LYS B 248 -2.92 -18.62 1.35
C LYS B 248 -4.01 -18.06 2.26
N TRP B 249 -3.63 -17.32 3.27
CA TRP B 249 -4.65 -16.72 4.21
C TRP B 249 -5.64 -15.92 3.39
N ILE B 250 -5.11 -15.08 2.56
CA ILE B 250 -5.95 -14.21 1.69
C ILE B 250 -6.98 -15.03 0.95
N GLN B 251 -6.47 -15.95 0.16
CA GLN B 251 -7.32 -16.86 -0.66
C GLN B 251 -8.41 -17.44 0.19
N LYS B 252 -8.00 -17.97 1.28
CA LYS B 252 -8.97 -18.58 2.22
C LYS B 252 -10.08 -17.60 2.66
N VAL B 253 -9.79 -16.44 3.14
CA VAL B 253 -10.98 -15.61 3.55
C VAL B 253 -11.75 -15.23 2.32
N ILE B 254 -11.10 -15.06 1.22
CA ILE B 254 -11.89 -14.67 0.04
C ILE B 254 -12.80 -15.81 -0.40
N ASP B 255 -12.28 -16.95 -0.76
CA ASP B 255 -13.22 -18.01 -1.19
C ASP B 255 -13.92 -18.74 -0.06
N GLN B 256 -14.06 -18.08 1.05
CA GLN B 256 -14.76 -18.66 2.22
C GLN B 256 -15.92 -17.65 2.42
N PHE B 257 -15.60 -16.39 2.28
CA PHE B 257 -16.60 -15.28 2.45
C PHE B 257 -16.94 -14.46 1.17
N GLY B 258 -16.58 -14.85 -0.04
CA GLY B 258 -16.95 -13.99 -1.23
C GLY B 258 -15.86 -13.84 -2.34
N ASP C 1 -9.00 20.28 7.11
CA ASP C 1 -8.19 20.39 5.86
C ASP C 1 -9.01 19.62 4.81
N PHE C 2 -9.49 18.46 5.16
CA PHE C 2 -10.29 17.69 4.16
C PHE C 2 -11.50 18.52 3.83
N GLU C 3 -11.89 18.42 2.60
CA GLU C 3 -13.06 19.13 2.06
C GLU C 3 -14.19 18.14 2.38
N GLU C 4 -15.36 18.70 2.51
CA GLU C 4 -16.61 17.94 2.84
C GLU C 4 -16.92 16.93 1.75
N ILE C 5 -17.49 15.82 2.17
CA ILE C 5 -17.84 14.75 1.20
C ILE C 5 -19.37 14.60 1.30
N PRO C 6 -20.03 14.15 0.26
CA PRO C 6 -21.51 14.07 0.23
C PRO C 6 -22.12 13.29 1.41
N GLU C 7 -23.08 13.91 2.04
CA GLU C 7 -23.80 13.32 3.21
C GLU C 7 -24.18 11.88 3.00
N GLU C 8 -24.65 11.56 1.83
CA GLU C 8 -25.06 10.16 1.55
C GLU C 8 -23.98 9.11 1.88
N TYS C 9 -22.74 9.49 2.03
CA TYS C 9 -21.68 8.46 2.33
CB TYS C 9 -20.36 8.90 1.70
CG TYS C 9 -20.44 8.95 0.17
CD1 TYS C 9 -20.67 7.79 -0.54
CD2 TYS C 9 -20.28 10.12 -0.52
CE1 TYS C 9 -20.73 7.80 -1.90
CE2 TYS C 9 -20.35 10.13 -1.87
CZ TYS C 9 -20.57 8.97 -2.58
OH TYS C 9 -20.64 8.96 -3.95
S TYS C 9 -19.38 8.68 -4.60
O1 TYS C 9 -19.34 9.04 -5.96
O2 TYS C 9 -18.30 9.46 -4.08
O3 TYS C 9 -19.08 7.31 -4.53
C TYS C 9 -21.45 8.23 3.82
O TYS C 9 -20.50 7.57 4.18
H TYS C 9 -22.48 10.44 1.96
HA TYS C 9 -21.99 7.51 1.92
HB2 TYS C 9 -19.59 8.19 1.99
HB3 TYS C 9 -20.07 9.87 2.09
HD1 TYS C 9 -20.79 6.85 -0.01
HD2 TYS C 9 -20.11 11.04 0.02
HE1 TYS C 9 -20.91 6.87 -2.44
HE2 TYS C 9 -20.22 11.06 -2.41
N LEU C 10 -22.32 8.77 4.63
CA LEU C 10 -22.20 8.62 6.13
C LEU C 10 -23.48 7.87 6.58
N GLN C 11 -24.59 8.53 6.31
CA GLN C 11 -25.96 8.04 6.64
C GLN C 11 -26.13 8.02 8.17
NA NA D . 17.07 4.98 5.76
C1 132 E . 7.57 3.93 7.93
C2 132 E . 6.66 2.97 7.40
C3 132 E . 5.36 2.88 7.97
C4 132 E . 5.01 3.75 9.00
C5 132 E . 5.89 4.66 9.46
C6 132 E . 7.14 4.80 8.95
C7 132 E . 8.85 4.08 7.44
N1 132 E . 9.66 4.97 7.99
N2 132 E . 9.31 3.34 6.46
N3 132 E . 3.88 3.89 9.68
C9 132 E . 5.29 5.38 10.45
C8 132 E . 4.01 4.84 10.57
C1' 132 E . 3.02 5.21 11.49
C2' 132 E . 3.34 6.15 12.47
C3' 132 E . 2.43 6.54 13.45
C4' 132 E . 1.17 6.01 13.46
C5' 132 E . 0.79 5.06 12.51
C6' 132 E . 1.71 4.65 11.49
O6' 132 E . 1.38 3.70 10.51
C1B 132 E . -0.49 4.55 12.62
C2B 132 E . -1.39 4.69 11.58
C3B 132 E . -2.66 4.17 11.65
C4B 132 E . -2.98 3.51 12.70
C5B 132 E . -2.14 3.36 13.88
C6B 132 E . -0.89 3.89 13.80
CL2 132 E . 7.10 1.80 6.12
HC3 132 E . 4.64 2.17 7.61
HC6 132 E . 7.79 5.55 9.37
HH11 132 E . 9.35 5.57 8.74
HH12 132 E . 10.62 5.03 7.75
HH21 132 E . 8.72 2.64 6.06
HH22 132 E . 10.26 3.38 6.16
HN3 132 E . 3.05 3.38 9.59
HC9 132 E . 5.73 6.18 11.01
HC'2 132 E . 4.32 6.60 12.50
HC'3 132 E . 2.70 7.27 14.20
HC'4 132 E . 0.47 6.31 14.22
H2' 132 E . -1.11 5.19 10.68
H3' 132 E . -3.38 4.25 10.87
H4' 132 E . -4.01 3.12 12.58
H5' 132 E . -2.47 2.84 14.80
H6' 132 E . -0.20 3.78 14.62
#